data_9KOP
#
_entry.id   9KOP
#
_cell.length_a   63.877
_cell.length_b   60.124
_cell.length_c   65.590
_cell.angle_alpha   90.000
_cell.angle_beta   100.610
_cell.angle_gamma   90.000
#
_symmetry.space_group_name_H-M   'P 1 21 1'
#
loop_
_entity.id
_entity.type
_entity.pdbx_description
1 polymer 'TROVE domain-containing protein'
2 non-polymer 'CALCIUM ION'
3 water water
#
_entity_poly.entity_id   1
_entity_poly.type   'polypeptide(L)'
_entity_poly.pdbx_seq_one_letter_code
;MHHHHHHSSGLVPRGSHMETGTKTYEGAKAYKRSPHGELFTLVASSLFLGDNTYYEYGGERVERFINLATTLSKEDPEYV
ASLANYARNELGLRSNPAALVAHLFYSNALEERRDLILATTKKVWQRGDDHLETLAYVKAVGWKLRSALKKAIAERLNDI
PPSLLLKYKRARRVVSQRLAIRLTHPRPRDEERSLLFQYIVKGSRASEEAKKLAEEVMEERPTWERIISSKGSTPETWLE
ALPHLNGLSLVRNLNNLFKHGLLENLEVKKTIEDKFSRSGSWKIFPFQYYSALKMGEKEGWPYWIMALLEEALESSAPET
RLEGETLFLVDVSGSMYYPVSRNSNLHMAEAASVLATVLVKRLGGELWTFADEAQDYTGHTHLSTYSLVRKIVREGRGGT
YLERAIRKAILDRSWTGRRVVIITDEQTHDMPWEALKDWLRSGENRVAHIINVAGYLPTAFPEDRIAKVGGWSDKIITLI
ESLEVGEEGIRNFLVSNYLPP
;
_entity_poly.pdbx_strand_id   A
#
loop_
_chem_comp.id
_chem_comp.type
_chem_comp.name
_chem_comp.formula
CA non-polymer 'CALCIUM ION' 'Ca 2'
#
# COMPACT_ATOMS: atom_id res chain seq x y z
N SER A 34 8.48 17.05 -18.17
CA SER A 34 8.96 17.19 -16.80
C SER A 34 9.62 15.92 -16.31
N PRO A 35 10.94 15.93 -16.15
CA PRO A 35 11.59 14.76 -15.54
C PRO A 35 11.15 14.45 -14.11
N HIS A 36 10.88 15.46 -13.27
CA HIS A 36 10.35 15.18 -11.94
C HIS A 36 9.03 14.42 -12.04
N GLY A 37 8.12 14.93 -12.90
CA GLY A 37 6.83 14.27 -13.06
C GLY A 37 6.93 12.92 -13.73
N GLU A 38 7.82 12.78 -14.72
CA GLU A 38 8.00 11.49 -15.38
C GLU A 38 8.49 10.44 -14.40
N LEU A 39 9.49 10.79 -13.59
CA LEU A 39 9.98 9.81 -12.61
C LEU A 39 8.89 9.47 -11.61
N PHE A 40 8.13 10.47 -11.14
CA PHE A 40 7.05 10.14 -10.22
C PHE A 40 6.09 9.12 -10.82
N THR A 41 5.62 9.36 -12.05
CA THR A 41 4.57 8.47 -12.57
C THR A 41 5.14 7.13 -12.95
N LEU A 42 6.41 7.08 -13.36
CA LEU A 42 7.06 5.80 -13.60
C LEU A 42 7.12 4.98 -12.32
N VAL A 43 7.50 5.62 -11.20
CA VAL A 43 7.53 4.91 -9.93
C VAL A 43 6.12 4.50 -9.50
N ALA A 44 5.19 5.44 -9.53
CA ALA A 44 3.83 5.17 -9.07
C ALA A 44 3.17 4.07 -9.89
N SER A 45 3.46 4.01 -11.20
CA SER A 45 2.85 3.02 -12.06
C SER A 45 3.25 1.60 -11.67
N SER A 46 4.37 1.43 -10.95
CA SER A 46 4.75 0.08 -10.54
C SER A 46 3.80 -0.51 -9.51
N LEU A 47 2.91 0.30 -8.94
CA LEU A 47 1.79 -0.22 -8.13
C LEU A 47 0.91 -1.16 -8.95
N PHE A 48 0.85 -0.94 -10.26
CA PHE A 48 -0.05 -1.65 -11.14
C PHE A 48 0.68 -2.53 -12.14
N LEU A 49 1.95 -2.26 -12.39
CA LEU A 49 2.79 -3.06 -13.28
C LEU A 49 3.76 -3.91 -12.48
N GLY A 50 3.40 -4.25 -11.26
CA GLY A 50 4.25 -5.05 -10.40
C GLY A 50 5.45 -4.30 -9.84
N ASP A 51 5.79 -4.62 -8.59
CA ASP A 51 6.93 -3.99 -7.93
C ASP A 51 8.24 -4.29 -8.67
N ASN A 52 8.36 -5.50 -9.24
CA ASN A 52 9.53 -6.09 -9.96
C ASN A 52 10.08 -7.29 -9.21
N GLY A 58 15.99 -5.14 -19.16
CA GLY A 58 14.66 -4.56 -19.28
C GLY A 58 14.56 -3.54 -20.40
N GLY A 59 13.35 -3.33 -20.90
CA GLY A 59 13.16 -2.53 -22.10
C GLY A 59 13.13 -1.03 -21.86
N GLU A 60 12.03 -0.37 -22.27
CA GLU A 60 11.97 1.08 -22.19
C GLU A 60 11.85 1.56 -20.74
N ARG A 61 10.99 0.93 -19.93
CA ARG A 61 10.79 1.49 -18.58
C ARG A 61 12.03 1.37 -17.71
N VAL A 62 12.83 0.31 -17.90
CA VAL A 62 14.08 0.18 -17.15
C VAL A 62 15.09 1.25 -17.59
N GLU A 63 15.29 1.40 -18.89
CA GLU A 63 16.30 2.35 -19.37
C GLU A 63 15.89 3.78 -19.09
N ARG A 64 14.58 4.07 -19.17
CA ARG A 64 14.09 5.39 -18.84
C ARG A 64 14.19 5.66 -17.33
N PHE A 65 13.91 4.65 -16.51
CA PHE A 65 14.09 4.78 -15.06
C PHE A 65 15.54 5.11 -14.73
N ILE A 66 16.48 4.34 -15.28
CA ILE A 66 17.90 4.58 -15.05
C ILE A 66 18.27 6.01 -15.44
N ASN A 67 17.84 6.44 -16.62
CA ASN A 67 18.20 7.79 -17.09
C ASN A 67 17.63 8.86 -16.16
N LEU A 68 16.33 8.78 -15.86
CA LEU A 68 15.69 9.78 -15.02
C LEU A 68 16.27 9.80 -13.60
N ALA A 69 16.48 8.62 -13.01
CA ALA A 69 17.04 8.56 -11.66
C ALA A 69 18.46 9.08 -11.62
N THR A 70 19.27 8.81 -12.66
CA THR A 70 20.62 9.35 -12.71
C THR A 70 20.61 10.87 -12.82
N THR A 71 19.80 11.39 -13.76
CA THR A 71 19.68 12.83 -13.97
C THR A 71 19.18 13.53 -12.71
N LEU A 72 18.15 12.98 -12.07
CA LEU A 72 17.59 13.67 -10.91
C LEU A 72 18.43 13.46 -9.66
N SER A 73 19.15 12.34 -9.52
CA SER A 73 20.04 12.21 -8.38
C SER A 73 21.19 13.20 -8.50
N LYS A 74 21.55 13.57 -9.73
CA LYS A 74 22.55 14.61 -9.92
C LYS A 74 21.97 16.01 -9.70
N GLU A 75 20.80 16.29 -10.28
CA GLU A 75 20.25 17.62 -10.29
C GLU A 75 19.39 17.93 -9.08
N ASP A 76 18.68 16.96 -8.52
CA ASP A 76 17.76 17.25 -7.40
C ASP A 76 17.71 16.03 -6.50
N PRO A 77 18.83 15.72 -5.81
CA PRO A 77 18.83 14.52 -4.95
C PRO A 77 17.82 14.58 -3.83
N GLU A 78 17.49 15.75 -3.30
CA GLU A 78 16.40 15.85 -2.31
C GLU A 78 15.11 15.26 -2.86
N TYR A 79 14.76 15.59 -4.10
CA TYR A 79 13.56 15.02 -4.71
C TYR A 79 13.64 13.50 -4.81
N VAL A 80 14.78 12.99 -5.28
CA VAL A 80 14.96 11.54 -5.40
C VAL A 80 14.79 10.86 -4.04
N ALA A 81 15.39 11.44 -3.00
CA ALA A 81 15.30 10.86 -1.66
C ALA A 81 13.85 10.92 -1.13
N SER A 82 13.15 12.02 -1.40
CA SER A 82 11.76 12.16 -0.96
C SER A 82 10.86 11.17 -1.71
N LEU A 83 11.13 10.98 -3.00
CA LEU A 83 10.40 10.00 -3.80
C LEU A 83 10.63 8.60 -3.28
N ALA A 84 11.87 8.27 -2.93
CA ALA A 84 12.13 6.92 -2.41
C ALA A 84 11.41 6.70 -1.07
N ASN A 85 11.43 7.70 -0.17
CA ASN A 85 10.67 7.62 1.07
C ASN A 85 9.17 7.46 0.81
N TYR A 86 8.61 8.36 0.00
CA TYR A 86 7.19 8.33 -0.37
C TYR A 86 6.79 6.97 -0.94
N ALA A 87 7.56 6.49 -1.91
CA ALA A 87 7.24 5.21 -2.55
C ALA A 87 7.34 4.05 -1.57
N ARG A 88 8.35 4.04 -0.70
CA ARG A 88 8.50 2.95 0.25
C ARG A 88 7.38 2.95 1.28
N ASN A 89 7.08 4.11 1.85
CA ASN A 89 6.22 4.19 3.01
C ASN A 89 4.82 4.70 2.76
N GLU A 90 4.57 5.42 1.67
CA GLU A 90 3.19 5.76 1.30
C GLU A 90 2.63 4.77 0.29
N LEU A 91 3.43 4.35 -0.69
CA LEU A 91 2.93 3.45 -1.72
C LEU A 91 3.21 1.98 -1.42
N GLY A 92 4.03 1.70 -0.41
CA GLY A 92 4.34 0.32 -0.06
C GLY A 92 5.24 -0.38 -1.04
N LEU A 93 5.88 0.36 -1.94
CA LEU A 93 6.75 -0.27 -2.94
C LEU A 93 8.12 -0.56 -2.34
N ARG A 94 8.76 -1.58 -2.88
CA ARG A 94 10.04 -2.02 -2.35
C ARG A 94 11.17 -1.90 -3.38
N SER A 95 10.96 -2.35 -4.63
CA SER A 95 12.06 -2.39 -5.59
C SER A 95 12.46 -1.00 -6.07
N ASN A 96 11.47 -0.19 -6.51
CA ASN A 96 11.80 1.17 -6.96
C ASN A 96 12.49 2.01 -5.88
N PRO A 97 12.02 2.06 -4.63
CA PRO A 97 12.79 2.86 -3.63
C PRO A 97 14.19 2.32 -3.38
N ALA A 98 14.36 0.99 -3.40
CA ALA A 98 15.70 0.44 -3.21
C ALA A 98 16.63 0.83 -4.35
N ALA A 99 16.06 0.93 -5.56
CA ALA A 99 16.84 1.34 -6.72
C ALA A 99 17.17 2.83 -6.65
N LEU A 100 16.24 3.64 -6.15
CA LEU A 100 16.52 5.08 -6.00
C LEU A 100 17.62 5.31 -4.96
N VAL A 101 17.62 4.53 -3.88
CA VAL A 101 18.74 4.59 -2.93
C VAL A 101 20.04 4.25 -3.64
N ALA A 102 20.03 3.19 -4.47
CA ALA A 102 21.24 2.86 -5.21
C ALA A 102 21.72 4.07 -5.99
N HIS A 103 20.81 4.72 -6.73
CA HIS A 103 21.18 5.86 -7.56
C HIS A 103 21.78 7.00 -6.72
N LEU A 104 21.24 7.24 -5.53
CA LEU A 104 21.82 8.27 -4.67
C LEU A 104 23.25 7.91 -4.26
N PHE A 105 23.48 6.64 -3.88
CA PHE A 105 24.83 6.24 -3.54
C PHE A 105 25.81 6.41 -4.70
N TYR A 106 25.33 6.44 -5.95
CA TYR A 106 26.21 6.56 -7.11
C TYR A 106 26.12 7.93 -7.77
N SER A 107 25.87 8.94 -6.96
CA SER A 107 25.65 10.30 -7.41
C SER A 107 26.54 11.25 -6.62
N ASN A 108 26.50 12.53 -7.02
CA ASN A 108 27.24 13.56 -6.27
C ASN A 108 26.69 13.72 -4.87
N ALA A 109 25.46 13.26 -4.62
CA ALA A 109 24.88 13.37 -3.27
C ALA A 109 25.63 12.52 -2.25
N LEU A 110 26.34 11.48 -2.69
CA LEU A 110 27.11 10.69 -1.72
C LEU A 110 28.09 11.55 -0.96
N GLU A 111 28.89 12.34 -1.68
CA GLU A 111 29.89 13.13 -1.01
C GLU A 111 29.27 14.42 -0.46
N GLU A 112 28.38 15.05 -1.24
CA GLU A 112 27.87 16.36 -0.86
C GLU A 112 26.73 16.31 0.15
N ARG A 113 26.03 15.18 0.28
CA ARG A 113 24.82 15.08 1.11
C ARG A 113 24.76 13.72 1.81
N ARG A 114 25.87 13.34 2.43
CA ARG A 114 25.94 12.03 3.08
C ARG A 114 24.85 11.86 4.12
N ASP A 115 24.53 12.93 4.85
CA ASP A 115 23.46 12.83 5.85
C ASP A 115 22.10 12.58 5.21
N LEU A 116 21.86 13.15 4.03
CA LEU A 116 20.63 12.82 3.31
C LEU A 116 20.60 11.36 2.91
N ILE A 117 21.72 10.83 2.44
CA ILE A 117 21.75 9.43 2.07
C ILE A 117 21.47 8.55 3.28
N LEU A 118 22.05 8.89 4.42
CA LEU A 118 21.81 8.08 5.63
C LEU A 118 20.35 8.15 6.05
N ALA A 119 19.77 9.35 6.06
CA ALA A 119 18.35 9.49 6.39
C ALA A 119 17.47 8.69 5.43
N THR A 120 17.81 8.74 4.14
CA THR A 120 17.06 8.00 3.15
C THR A 120 17.11 6.50 3.41
N THR A 121 18.31 5.96 3.68
CA THR A 121 18.38 4.52 3.93
C THR A 121 17.62 4.16 5.19
N LYS A 122 17.64 5.04 6.20
CA LYS A 122 16.83 4.82 7.40
C LYS A 122 15.35 4.68 7.05
N LYS A 123 14.86 5.47 6.07
CA LYS A 123 13.45 5.40 5.69
C LYS A 123 13.12 4.28 4.71
N VAL A 124 14.08 3.84 3.91
CA VAL A 124 13.77 2.90 2.83
C VAL A 124 14.03 1.46 3.25
N TRP A 125 15.10 1.23 3.99
CA TRP A 125 15.46 -0.11 4.43
C TRP A 125 14.67 -0.43 5.70
N GLN A 126 13.39 -0.74 5.50
CA GLN A 126 12.46 -1.01 6.60
C GLN A 126 12.46 -2.50 6.96
N ARG A 127 12.16 -3.35 5.98
CA ARG A 127 12.12 -4.79 6.18
C ARG A 127 13.52 -5.39 6.14
N GLY A 128 13.65 -6.61 6.65
CA GLY A 128 14.97 -7.23 6.78
C GLY A 128 15.68 -7.52 5.47
N ASP A 129 14.98 -7.45 4.33
CA ASP A 129 15.55 -7.73 3.02
C ASP A 129 15.65 -6.52 2.09
N ASP A 130 15.33 -5.30 2.57
CA ASP A 130 15.29 -4.14 1.69
C ASP A 130 16.68 -3.76 1.16
N HIS A 131 17.69 -3.83 2.03
CA HIS A 131 19.05 -3.55 1.56
C HIS A 131 19.49 -4.60 0.54
N LEU A 132 18.95 -5.82 0.64
CA LEU A 132 19.21 -6.81 -0.40
C LEU A 132 18.62 -6.36 -1.74
N GLU A 133 17.48 -5.67 -1.71
CA GLU A 133 16.92 -5.14 -2.95
C GLU A 133 17.83 -4.08 -3.57
N THR A 134 18.42 -3.21 -2.74
CA THR A 134 19.41 -2.27 -3.29
C THR A 134 20.61 -2.99 -3.91
N LEU A 135 21.15 -3.97 -3.20
CA LEU A 135 22.26 -4.77 -3.73
C LEU A 135 21.89 -5.41 -5.07
N ALA A 136 20.69 -6.01 -5.13
CA ALA A 136 20.17 -6.63 -6.35
C ALA A 136 20.08 -5.64 -7.51
N TYR A 137 19.64 -4.41 -7.24
CA TYR A 137 19.58 -3.45 -8.33
C TYR A 137 20.97 -3.11 -8.85
N VAL A 138 21.91 -2.90 -7.92
CA VAL A 138 23.27 -2.58 -8.35
C VAL A 138 23.79 -3.69 -9.26
N LYS A 139 23.52 -4.95 -8.89
CA LYS A 139 23.88 -6.08 -9.75
C LYS A 139 23.19 -6.00 -11.10
N ALA A 140 21.88 -5.77 -11.11
CA ALA A 140 21.11 -5.80 -12.35
C ALA A 140 21.62 -4.77 -13.35
N VAL A 141 22.01 -3.58 -12.89
CA VAL A 141 22.35 -2.52 -13.86
C VAL A 141 23.82 -2.52 -14.28
N GLY A 142 24.66 -3.36 -13.68
CA GLY A 142 26.02 -3.49 -14.14
C GLY A 142 27.06 -2.67 -13.40
N TRP A 143 26.71 -2.05 -12.27
CA TRP A 143 27.66 -1.22 -11.55
C TRP A 143 28.55 -2.04 -10.62
N LYS A 144 29.72 -1.49 -10.32
CA LYS A 144 30.59 -2.13 -9.36
C LYS A 144 30.16 -1.70 -7.95
N LEU A 145 30.11 -2.67 -7.05
CA LEU A 145 29.67 -2.40 -5.69
C LEU A 145 30.71 -1.52 -4.99
N ARG A 146 30.31 -0.34 -4.55
CA ARG A 146 31.30 0.62 -4.08
C ARG A 146 31.39 0.57 -2.56
N SER A 147 32.46 1.15 -2.04
CA SER A 147 32.78 1.04 -0.63
C SER A 147 31.67 1.61 0.25
N ALA A 148 31.15 2.80 -0.10
CA ALA A 148 30.19 3.44 0.79
C ALA A 148 28.94 2.58 0.92
N LEU A 149 28.46 2.01 -0.19
CA LEU A 149 27.30 1.13 -0.12
C LEU A 149 27.61 -0.13 0.68
N LYS A 150 28.79 -0.74 0.47
CA LYS A 150 29.20 -1.86 1.31
C LYS A 150 29.10 -1.53 2.79
N LYS A 151 29.67 -0.39 3.19
CA LYS A 151 29.68 -0.01 4.60
C LYS A 151 28.27 0.19 5.11
N ALA A 152 27.41 0.82 4.30
CA ALA A 152 26.04 1.03 4.73
C ALA A 152 25.32 -0.30 4.92
N ILE A 153 25.46 -1.22 3.97
CA ILE A 153 24.84 -2.52 4.13
C ILE A 153 25.40 -3.25 5.34
N ALA A 154 26.71 -3.12 5.59
CA ALA A 154 27.32 -3.80 6.73
C ALA A 154 26.76 -3.27 8.04
N GLU A 155 26.66 -1.95 8.15
CA GLU A 155 26.10 -1.36 9.36
C GLU A 155 24.66 -1.82 9.55
N ARG A 156 23.92 -1.93 8.44
CA ARG A 156 22.55 -2.42 8.52
C ARG A 156 22.52 -3.87 8.98
N LEU A 157 23.45 -4.68 8.49
CA LEU A 157 23.54 -6.08 8.90
C LEU A 157 23.83 -6.21 10.39
N ASN A 158 24.62 -5.28 10.93
CA ASN A 158 24.90 -5.26 12.35
C ASN A 158 23.75 -4.70 13.18
N ASP A 159 22.83 -3.95 12.57
CA ASP A 159 21.81 -3.25 13.34
C ASP A 159 20.42 -3.87 13.28
N ILE A 160 20.11 -4.65 12.25
CA ILE A 160 18.75 -5.23 12.16
C ILE A 160 18.50 -6.11 13.38
N PRO A 161 17.29 -6.12 13.94
CA PRO A 161 16.94 -7.10 14.97
C PRO A 161 17.23 -8.51 14.51
N PRO A 162 17.89 -9.32 15.34
CA PRO A 162 18.29 -10.68 14.91
C PRO A 162 17.17 -11.52 14.34
N SER A 163 16.01 -11.57 15.01
CA SER A 163 14.91 -12.40 14.54
C SER A 163 14.45 -11.96 13.15
N LEU A 164 14.50 -10.65 12.87
CA LEU A 164 14.12 -10.16 11.56
C LEU A 164 15.19 -10.44 10.52
N LEU A 165 16.46 -10.45 10.91
CA LEU A 165 17.52 -10.79 9.97
C LEU A 165 17.45 -12.27 9.60
N LEU A 166 16.99 -13.13 10.51
CA LEU A 166 16.81 -14.54 10.17
C LEU A 166 15.48 -14.82 9.46
N LYS A 167 14.43 -14.06 9.76
CA LYS A 167 13.17 -14.24 9.05
C LYS A 167 13.29 -13.87 7.58
N TYR A 168 14.19 -12.95 7.24
CA TYR A 168 14.51 -12.60 5.86
C TYR A 168 15.91 -13.03 5.44
N LYS A 169 16.32 -14.26 5.80
CA LYS A 169 17.53 -14.84 5.23
C LYS A 169 17.57 -14.68 3.72
N ARG A 170 16.44 -14.96 3.06
CA ARG A 170 16.38 -15.06 1.61
C ARG A 170 17.37 -16.09 1.10
N ALA A 171 17.47 -17.20 1.86
CA ALA A 171 18.53 -18.19 1.65
C ALA A 171 18.52 -18.80 0.25
N ARG A 172 17.36 -18.84 -0.42
CA ARG A 172 17.33 -19.36 -1.79
C ARG A 172 17.31 -18.27 -2.85
N ARG A 173 17.36 -16.99 -2.48
CA ARG A 173 17.57 -15.98 -3.50
C ARG A 173 19.04 -15.96 -3.90
N VAL A 174 19.30 -15.41 -5.09
CA VAL A 174 20.69 -15.12 -5.48
C VAL A 174 21.28 -14.07 -4.55
N VAL A 175 20.58 -12.95 -4.39
CA VAL A 175 20.99 -11.89 -3.46
C VAL A 175 20.38 -12.22 -2.11
N SER A 176 21.12 -12.97 -1.31
CA SER A 176 20.74 -13.41 0.00
C SER A 176 21.52 -12.67 1.07
N GLN A 177 21.08 -12.83 2.31
CA GLN A 177 21.83 -12.25 3.42
C GLN A 177 23.23 -12.83 3.49
N ARG A 178 23.38 -14.12 3.15
CA ARG A 178 24.71 -14.70 3.01
C ARG A 178 25.57 -13.92 2.03
N LEU A 179 25.05 -13.70 0.81
CA LEU A 179 25.79 -12.93 -0.17
C LEU A 179 26.15 -11.56 0.37
N ALA A 180 25.21 -10.90 1.04
CA ALA A 180 25.50 -9.57 1.58
C ALA A 180 26.64 -9.62 2.58
N ILE A 181 26.61 -10.59 3.50
CA ILE A 181 27.67 -10.68 4.50
C ILE A 181 29.02 -10.92 3.84
N ARG A 182 29.05 -11.75 2.80
CA ARG A 182 30.33 -12.08 2.17
C ARG A 182 30.83 -10.92 1.32
N LEU A 183 29.92 -10.09 0.79
CA LEU A 183 30.30 -8.96 -0.04
C LEU A 183 30.67 -7.72 0.78
N THR A 184 30.08 -7.53 1.96
CA THR A 184 30.30 -6.30 2.70
C THR A 184 31.16 -6.48 3.95
N HIS A 185 31.46 -7.72 4.34
CA HIS A 185 32.38 -8.02 5.42
C HIS A 185 32.08 -7.25 6.72
N PRO A 186 30.87 -7.41 7.28
CA PRO A 186 30.56 -6.68 8.52
C PRO A 186 31.43 -7.18 9.67
N ARG A 187 32.01 -6.25 10.42
CA ARG A 187 32.70 -6.63 11.64
C ARG A 187 31.65 -6.78 12.72
N PRO A 188 31.40 -8.01 13.20
CA PRO A 188 30.31 -8.22 14.17
C PRO A 188 30.44 -7.29 15.36
N ARG A 189 29.41 -6.48 15.64
CA ARG A 189 29.52 -5.59 16.78
C ARG A 189 29.50 -6.35 18.09
N ASP A 190 28.86 -7.52 18.13
CA ASP A 190 28.50 -8.19 19.36
C ASP A 190 28.76 -9.69 19.19
N GLU A 191 28.84 -10.40 20.31
CA GLU A 191 29.03 -11.85 20.27
C GLU A 191 27.87 -12.54 19.55
N GLU A 192 26.64 -12.20 19.95
CA GLU A 192 25.47 -12.75 19.28
C GLU A 192 25.53 -12.48 17.78
N ARG A 193 25.97 -11.29 17.38
CA ARG A 193 25.98 -10.95 15.95
C ARG A 193 27.01 -11.77 15.19
N SER A 194 28.19 -11.99 15.79
CA SER A 194 29.15 -12.93 15.22
C SER A 194 28.50 -14.29 14.97
N LEU A 195 27.75 -14.80 15.96
CA LEU A 195 27.14 -16.10 15.79
C LEU A 195 26.03 -16.10 14.74
N LEU A 196 25.25 -15.01 14.65
CA LEU A 196 24.20 -14.91 13.64
C LEU A 196 24.81 -14.95 12.25
N PHE A 197 25.91 -14.22 12.05
CA PHE A 197 26.58 -14.24 10.77
C PHE A 197 27.03 -15.65 10.42
N GLN A 198 27.68 -16.33 11.38
CA GLN A 198 28.07 -17.73 11.17
C GLN A 198 26.91 -18.56 10.66
N TYR A 199 25.79 -18.51 11.40
CA TYR A 199 24.64 -19.33 11.02
C TYR A 199 24.15 -18.95 9.63
N ILE A 200 24.12 -17.67 9.30
CA ILE A 200 23.61 -17.28 8.00
C ILE A 200 24.52 -17.79 6.88
N VAL A 201 25.84 -17.72 7.07
CA VAL A 201 26.73 -17.96 5.95
C VAL A 201 26.92 -19.45 5.73
N LYS A 202 26.78 -20.27 6.76
CA LYS A 202 27.00 -21.69 6.52
C LYS A 202 25.91 -22.61 7.04
N GLY A 203 24.93 -22.12 7.80
CA GLY A 203 23.72 -22.83 8.12
C GLY A 203 23.98 -24.12 8.86
N SER A 204 23.75 -25.22 8.14
CA SER A 204 23.95 -26.55 8.70
C SER A 204 25.36 -26.72 9.22
N ARG A 205 26.35 -26.31 8.42
CA ARG A 205 27.77 -26.49 8.66
C ARG A 205 28.31 -25.58 9.75
N ALA A 206 27.45 -24.81 10.41
CA ALA A 206 27.88 -23.92 11.48
C ALA A 206 28.01 -24.68 12.78
N SER A 207 28.72 -24.07 13.73
CA SER A 207 28.84 -24.66 15.06
C SER A 207 27.47 -24.74 15.72
N GLU A 208 27.30 -25.74 16.59
CA GLU A 208 26.08 -25.82 17.38
C GLU A 208 26.00 -24.70 18.40
N GLU A 209 27.13 -24.11 18.77
CA GLU A 209 27.13 -22.83 19.48
C GLU A 209 26.24 -21.82 18.76
N ALA A 210 26.37 -21.74 17.43
CA ALA A 210 25.60 -20.78 16.64
C ALA A 210 24.21 -21.32 16.28
N LYS A 211 24.12 -22.61 15.97
CA LYS A 211 22.83 -23.19 15.60
C LYS A 211 21.83 -23.02 16.73
N LYS A 212 22.29 -23.13 17.98
CA LYS A 212 21.40 -22.94 19.11
C LYS A 212 20.81 -21.53 19.11
N LEU A 213 21.66 -20.51 19.00
CA LEU A 213 21.18 -19.13 18.97
C LEU A 213 20.21 -18.90 17.81
N ALA A 214 20.43 -19.58 16.67
CA ALA A 214 19.46 -19.52 15.59
C ALA A 214 18.08 -19.95 16.07
N GLU A 215 17.99 -21.15 16.67
CA GLU A 215 16.66 -21.56 17.17
C GLU A 215 16.25 -20.87 18.48
N GLU A 216 17.07 -19.95 19.01
CA GLU A 216 16.66 -19.16 20.16
C GLU A 216 16.06 -17.81 19.82
N VAL A 217 16.60 -17.10 18.83
CA VAL A 217 15.92 -15.88 18.39
C VAL A 217 14.55 -16.16 17.80
N MET A 218 14.24 -17.45 17.56
CA MET A 218 12.94 -17.89 17.08
C MET A 218 12.09 -18.52 18.18
N GLU A 219 12.71 -19.05 19.23
CA GLU A 219 11.97 -19.66 20.33
C GLU A 219 11.33 -18.60 21.22
N GLU A 220 12.07 -17.55 21.57
CA GLU A 220 11.59 -16.51 22.47
C GLU A 220 10.80 -15.46 21.71
N ARG A 221 9.88 -14.81 22.42
CA ARG A 221 8.94 -13.84 21.85
C ARG A 221 8.33 -14.31 20.53
N PRO A 222 7.67 -15.47 20.52
CA PRO A 222 7.25 -16.06 19.24
C PRO A 222 5.95 -15.45 18.73
N THR A 223 5.88 -15.32 17.41
CA THR A 223 4.68 -14.83 16.76
C THR A 223 3.56 -15.88 16.86
N TRP A 224 2.32 -15.41 16.67
CA TRP A 224 1.17 -16.30 16.68
C TRP A 224 1.26 -17.34 15.56
N GLU A 225 1.84 -16.96 14.42
CA GLU A 225 2.05 -17.89 13.33
C GLU A 225 2.83 -19.12 13.79
N ARG A 226 3.73 -18.92 14.76
CA ARG A 226 4.53 -20.00 15.30
C ARG A 226 3.71 -20.91 16.21
N ILE A 227 2.94 -20.34 17.12
CA ILE A 227 2.06 -21.15 17.96
C ILE A 227 1.20 -22.05 17.09
N ILE A 228 0.66 -21.50 16.00
CA ILE A 228 -0.28 -22.29 15.21
C ILE A 228 0.45 -23.29 14.32
N SER A 229 1.59 -22.91 13.73
CA SER A 229 2.30 -23.84 12.85
C SER A 229 2.92 -24.98 13.64
N SER A 230 3.44 -24.71 14.83
CA SER A 230 4.06 -25.75 15.63
C SER A 230 3.02 -26.66 16.26
N LYS A 231 2.07 -26.08 17.01
CA LYS A 231 1.11 -26.91 17.73
C LYS A 231 -0.08 -27.35 16.90
N GLY A 232 -0.31 -26.75 15.74
CA GLY A 232 -1.53 -27.03 15.00
C GLY A 232 -2.61 -26.01 15.27
N SER A 233 -3.81 -26.33 14.77
CA SER A 233 -4.98 -25.45 14.77
C SER A 233 -6.10 -26.11 15.56
N THR A 234 -6.23 -25.74 16.82
CA THR A 234 -7.24 -26.28 17.72
C THR A 234 -7.75 -25.15 18.60
N PRO A 235 -8.89 -25.35 19.27
CA PRO A 235 -9.41 -24.30 20.17
C PRO A 235 -8.37 -23.83 21.17
N GLU A 236 -7.65 -24.78 21.77
CA GLU A 236 -6.60 -24.44 22.72
C GLU A 236 -5.39 -23.78 22.05
N THR A 237 -4.99 -24.18 20.85
CA THR A 237 -3.87 -23.49 20.21
C THR A 237 -4.27 -22.05 19.80
N TRP A 238 -5.50 -21.84 19.36
CA TRP A 238 -5.86 -20.47 19.00
C TRP A 238 -6.08 -19.63 20.27
N LEU A 239 -6.53 -20.25 21.36
CA LEU A 239 -6.57 -19.56 22.65
C LEU A 239 -5.18 -19.11 23.08
N GLU A 240 -4.17 -19.94 22.82
CA GLU A 240 -2.81 -19.54 23.15
C GLU A 240 -2.31 -18.45 22.20
N ALA A 241 -2.71 -18.51 20.94
CA ALA A 241 -2.27 -17.50 19.99
C ALA A 241 -2.90 -16.14 20.25
N LEU A 242 -4.13 -16.11 20.73
CA LEU A 242 -4.93 -14.88 20.79
C LEU A 242 -4.21 -13.69 21.42
N PRO A 243 -3.51 -13.81 22.56
CA PRO A 243 -2.84 -12.63 23.12
C PRO A 243 -1.81 -12.01 22.20
N HIS A 244 -1.24 -12.80 21.28
CA HIS A 244 -0.32 -12.30 20.26
C HIS A 244 -1.01 -11.92 18.96
N LEU A 245 -2.33 -12.02 18.89
CA LEU A 245 -3.11 -11.59 17.73
C LEU A 245 -3.56 -10.15 17.93
N ASN A 246 -3.10 -9.25 17.06
CA ASN A 246 -3.40 -7.83 17.19
C ASN A 246 -3.66 -7.19 15.84
N GLY A 247 -4.47 -6.14 15.86
CA GLY A 247 -4.73 -5.37 14.65
C GLY A 247 -5.16 -6.24 13.47
N LEU A 248 -4.51 -6.02 12.33
CA LEU A 248 -4.86 -6.72 11.11
C LEU A 248 -4.74 -8.24 11.25
N SER A 249 -3.74 -8.73 12.00
CA SER A 249 -3.64 -10.19 12.18
C SER A 249 -4.86 -10.75 12.92
N LEU A 250 -5.34 -10.03 13.93
CA LEU A 250 -6.59 -10.41 14.58
C LEU A 250 -7.75 -10.41 13.58
N VAL A 251 -7.93 -9.28 12.89
CA VAL A 251 -9.06 -9.16 11.98
C VAL A 251 -9.03 -10.28 10.95
N ARG A 252 -7.86 -10.56 10.39
CA ARG A 252 -7.74 -11.61 9.37
C ARG A 252 -7.85 -13.01 9.92
N ASN A 253 -7.76 -13.21 11.23
CA ASN A 253 -7.86 -14.57 11.77
C ASN A 253 -9.16 -14.81 12.56
N LEU A 254 -10.09 -13.86 12.51
CA LEU A 254 -11.37 -14.06 13.19
C LEU A 254 -12.10 -15.33 12.76
N ASN A 255 -12.00 -15.73 11.49
CA ASN A 255 -12.69 -16.98 11.14
C ASN A 255 -12.07 -18.20 11.78
N ASN A 256 -10.75 -18.20 11.97
CA ASN A 256 -10.13 -19.31 12.66
C ASN A 256 -10.59 -19.39 14.10
N LEU A 257 -10.67 -18.23 14.77
CA LEU A 257 -11.29 -18.24 16.10
C LEU A 257 -12.71 -18.76 16.05
N PHE A 258 -13.48 -18.33 15.05
CA PHE A 258 -14.90 -18.67 14.96
C PHE A 258 -15.10 -20.17 14.79
N LYS A 259 -14.36 -20.78 13.86
CA LYS A 259 -14.62 -22.18 13.51
C LYS A 259 -14.25 -23.11 14.67
N HIS A 260 -13.39 -22.66 15.57
CA HIS A 260 -13.07 -23.43 16.76
C HIS A 260 -13.98 -23.10 17.93
N GLY A 261 -15.08 -22.38 17.69
CA GLY A 261 -16.03 -22.06 18.73
C GLY A 261 -15.59 -21.00 19.71
N LEU A 262 -14.43 -20.39 19.50
CA LEU A 262 -13.87 -19.46 20.48
C LEU A 262 -14.65 -18.16 20.60
N LEU A 263 -15.45 -17.78 19.60
CA LEU A 263 -16.21 -16.53 19.69
C LEU A 263 -17.40 -16.65 20.64
N GLU A 264 -17.70 -17.85 21.13
CA GLU A 264 -18.67 -18.03 22.22
C GLU A 264 -18.00 -18.15 23.57
N ASN A 265 -16.68 -18.12 23.62
CA ASN A 265 -15.96 -18.12 24.89
C ASN A 265 -15.95 -16.71 25.48
N LEU A 266 -16.32 -16.59 26.76
CA LEU A 266 -16.55 -15.26 27.33
C LEU A 266 -15.24 -14.51 27.57
N GLU A 267 -14.17 -15.24 27.91
CA GLU A 267 -12.88 -14.59 28.08
C GLU A 267 -12.33 -14.15 26.73
N VAL A 268 -12.57 -14.93 25.67
CA VAL A 268 -12.17 -14.50 24.34
C VAL A 268 -12.89 -13.21 23.99
N LYS A 269 -14.18 -13.15 24.27
CA LYS A 269 -14.94 -11.95 23.95
C LYS A 269 -14.36 -10.75 24.68
N LYS A 270 -14.07 -10.91 25.97
CA LYS A 270 -13.53 -9.79 26.74
C LYS A 270 -12.20 -9.33 26.15
N THR A 271 -11.35 -10.30 25.76
CA THR A 271 -10.04 -9.97 25.20
C THR A 271 -10.18 -9.25 23.86
N ILE A 272 -11.11 -9.69 23.02
CA ILE A 272 -11.28 -9.04 21.72
C ILE A 272 -11.90 -7.65 21.90
N GLU A 273 -12.80 -7.49 22.88
CA GLU A 273 -13.31 -6.16 23.18
C GLU A 273 -12.20 -5.23 23.68
N ASP A 274 -11.30 -5.75 24.52
CA ASP A 274 -10.15 -4.94 24.93
C ASP A 274 -9.29 -4.52 23.72
N LYS A 275 -8.99 -5.47 22.84
CA LYS A 275 -8.18 -5.16 21.65
C LYS A 275 -8.89 -4.16 20.74
N PHE A 276 -10.17 -4.38 20.47
CA PHE A 276 -10.91 -3.46 19.60
C PHE A 276 -11.11 -2.09 20.25
N SER A 277 -11.03 -1.99 21.58
CA SER A 277 -11.10 -0.66 22.19
C SER A 277 -9.92 0.23 21.78
N ARG A 278 -8.88 -0.34 21.15
CA ARG A 278 -7.76 0.46 20.64
C ARG A 278 -7.62 0.35 19.12
N SER A 279 -8.71 -0.02 18.43
CA SER A 279 -8.65 -0.18 16.97
C SER A 279 -8.25 1.12 16.27
N GLY A 280 -8.51 2.27 16.88
CA GLY A 280 -8.11 3.54 16.27
C GLY A 280 -6.62 3.62 16.00
N SER A 281 -5.82 2.84 16.72
CA SER A 281 -4.38 2.84 16.56
C SER A 281 -3.88 1.80 15.57
N TRP A 282 -4.77 1.02 14.96
CA TRP A 282 -4.31 -0.03 14.07
C TRP A 282 -3.91 0.54 12.71
N LYS A 283 -2.93 -0.09 12.09
CA LYS A 283 -2.57 0.16 10.69
C LYS A 283 -3.41 -0.81 9.86
N ILE A 284 -4.51 -0.30 9.30
CA ILE A 284 -5.48 -1.15 8.63
C ILE A 284 -6.34 -0.31 7.71
N PHE A 285 -6.63 -0.83 6.55
CA PHE A 285 -7.46 -0.10 5.61
C PHE A 285 -8.93 -0.45 5.79
N PRO A 286 -9.82 0.47 5.41
CA PRO A 286 -11.27 0.17 5.46
C PRO A 286 -11.68 -1.11 4.71
N PHE A 287 -11.04 -1.43 3.58
CA PHE A 287 -11.47 -2.63 2.86
C PHE A 287 -11.17 -3.89 3.67
N GLN A 288 -10.18 -3.86 4.56
CA GLN A 288 -9.87 -5.05 5.37
C GLN A 288 -10.97 -5.31 6.41
N TYR A 289 -11.53 -4.25 7.00
CA TYR A 289 -12.73 -4.41 7.82
C TYR A 289 -13.89 -4.93 6.98
N TYR A 290 -14.11 -4.33 5.80
CA TYR A 290 -15.22 -4.80 4.95
C TYR A 290 -15.04 -6.28 4.56
N SER A 291 -13.82 -6.69 4.25
CA SER A 291 -13.54 -8.09 3.90
C SER A 291 -13.87 -9.02 5.06
N ALA A 292 -13.50 -8.61 6.28
CA ALA A 292 -13.84 -9.39 7.46
C ALA A 292 -15.34 -9.51 7.65
N LEU A 293 -16.05 -8.37 7.56
CA LEU A 293 -17.51 -8.39 7.72
C LEU A 293 -18.16 -9.29 6.68
N LYS A 294 -17.71 -9.20 5.42
CA LYS A 294 -18.30 -10.03 4.37
C LYS A 294 -18.10 -11.51 4.67
N MET A 295 -16.92 -11.87 5.16
CA MET A 295 -16.70 -13.27 5.51
C MET A 295 -17.58 -13.65 6.70
N GLY A 296 -17.75 -12.72 7.64
CA GLY A 296 -18.64 -12.97 8.76
C GLY A 296 -20.08 -13.20 8.35
N GLU A 297 -20.53 -12.49 7.30
CA GLU A 297 -21.85 -12.73 6.73
C GLU A 297 -21.96 -14.13 6.16
N LYS A 298 -20.98 -14.51 5.35
CA LYS A 298 -21.00 -15.83 4.72
C LYS A 298 -21.00 -16.94 5.75
N GLU A 299 -20.21 -16.80 6.80
CA GLU A 299 -19.97 -17.88 7.75
C GLU A 299 -20.93 -17.86 8.93
N GLY A 300 -21.70 -16.80 9.12
CA GLY A 300 -22.61 -16.73 10.25
C GLY A 300 -21.94 -16.34 11.56
N TRP A 301 -20.97 -15.43 11.51
CA TRP A 301 -20.34 -14.98 12.75
C TRP A 301 -21.36 -14.33 13.68
N PRO A 302 -21.15 -14.41 15.00
CA PRO A 302 -22.13 -13.84 15.93
C PRO A 302 -22.16 -12.33 15.77
N TYR A 303 -23.31 -11.76 16.14
CA TYR A 303 -23.51 -10.34 15.92
C TYR A 303 -22.51 -9.48 16.70
N TRP A 304 -22.07 -9.92 17.90
CA TRP A 304 -21.16 -9.06 18.66
C TRP A 304 -19.86 -8.78 17.89
N ILE A 305 -19.32 -9.78 17.18
CA ILE A 305 -18.08 -9.50 16.45
C ILE A 305 -18.35 -8.66 15.20
N MET A 306 -19.51 -8.87 14.56
CA MET A 306 -19.88 -8.06 13.42
C MET A 306 -20.03 -6.60 13.81
N ALA A 307 -20.65 -6.35 14.97
CA ALA A 307 -20.82 -4.98 15.45
C ALA A 307 -19.47 -4.33 15.73
N LEU A 308 -18.54 -5.06 16.35
CA LEU A 308 -17.21 -4.49 16.56
C LEU A 308 -16.57 -4.10 15.22
N LEU A 309 -16.66 -4.99 14.22
CA LEU A 309 -16.05 -4.67 12.93
C LEU A 309 -16.75 -3.50 12.25
N GLU A 310 -18.07 -3.44 12.33
CA GLU A 310 -18.82 -2.33 11.74
C GLU A 310 -18.42 -0.99 12.38
N GLU A 311 -18.31 -0.97 13.72
CA GLU A 311 -17.86 0.25 14.41
C GLU A 311 -16.45 0.64 13.99
N ALA A 312 -15.53 -0.33 13.90
CA ALA A 312 -14.17 -0.02 13.45
C ALA A 312 -14.14 0.48 11.99
N LEU A 313 -14.99 -0.09 11.14
CA LEU A 313 -15.08 0.41 9.76
C LEU A 313 -15.61 1.84 9.73
N GLU A 314 -16.67 2.11 10.49
CA GLU A 314 -17.23 3.46 10.57
C GLU A 314 -16.21 4.49 11.01
N SER A 315 -15.26 4.08 11.86
CA SER A 315 -14.25 4.97 12.40
C SER A 315 -13.02 5.09 11.50
N SER A 316 -12.98 4.40 10.37
CA SER A 316 -11.73 4.17 9.66
C SER A 316 -11.42 5.20 8.57
N ALA A 317 -12.12 6.34 8.53
CA ALA A 317 -11.76 7.38 7.55
C ALA A 317 -10.31 7.83 7.73
N PRO A 318 -9.45 7.64 6.74
CA PRO A 318 -8.06 8.10 6.86
C PRO A 318 -7.96 9.62 6.76
N GLU A 319 -6.85 10.13 7.29
CA GLU A 319 -6.55 11.54 7.16
C GLU A 319 -5.97 11.79 5.77
N THR A 320 -6.44 12.84 5.12
CA THR A 320 -5.98 13.16 3.77
C THR A 320 -5.71 14.65 3.64
N ARG A 321 -4.75 14.97 2.76
CA ARG A 321 -4.48 16.37 2.42
C ARG A 321 -5.56 16.98 1.55
N LEU A 322 -6.35 16.14 0.88
CA LEU A 322 -7.43 16.62 0.03
C LEU A 322 -8.42 17.44 0.86
N GLU A 323 -8.85 18.57 0.31
CA GLU A 323 -9.88 19.41 0.91
C GLU A 323 -10.98 19.66 -0.11
N GLY A 324 -12.19 19.87 0.38
CA GLY A 324 -13.27 20.35 -0.47
C GLY A 324 -14.23 19.24 -0.86
N GLU A 325 -15.52 19.59 -0.97
CA GLU A 325 -16.54 18.60 -1.28
C GLU A 325 -16.21 17.91 -2.61
N THR A 326 -16.49 16.61 -2.68
CA THR A 326 -16.07 15.81 -3.82
C THR A 326 -17.24 14.97 -4.32
N LEU A 327 -17.35 14.83 -5.64
CA LEU A 327 -18.40 13.99 -6.20
C LEU A 327 -17.73 12.70 -6.66
N PHE A 328 -18.15 11.58 -6.10
CA PHE A 328 -17.67 10.27 -6.49
C PHE A 328 -18.68 9.63 -7.44
N LEU A 329 -18.16 9.04 -8.51
CA LEU A 329 -18.96 8.35 -9.52
C LEU A 329 -18.39 6.96 -9.68
N VAL A 330 -19.09 5.97 -9.14
CA VAL A 330 -18.56 4.62 -8.96
C VAL A 330 -19.24 3.68 -9.95
N ASP A 331 -18.43 3.07 -10.80
CA ASP A 331 -18.89 2.11 -11.79
C ASP A 331 -19.35 0.83 -11.09
N VAL A 332 -20.62 0.46 -11.27
CA VAL A 332 -21.04 -0.81 -10.70
C VAL A 332 -21.63 -1.66 -11.83
N SER A 333 -21.10 -1.52 -13.04
CA SER A 333 -21.50 -2.43 -14.10
C SER A 333 -21.15 -3.87 -13.71
N GLY A 334 -21.78 -4.83 -14.39
CA GLY A 334 -21.52 -6.23 -14.08
C GLY A 334 -20.05 -6.61 -14.10
N SER A 335 -19.29 -6.04 -15.03
CA SER A 335 -17.86 -6.39 -15.13
C SER A 335 -17.09 -6.00 -13.87
N MET A 336 -17.63 -5.11 -13.05
CA MET A 336 -16.99 -4.68 -11.81
C MET A 336 -17.17 -5.68 -10.69
N TYR A 337 -18.00 -6.71 -10.89
CA TYR A 337 -18.27 -7.69 -9.86
C TYR A 337 -17.25 -8.84 -9.86
N TYR A 338 -16.10 -8.62 -10.48
CA TYR A 338 -14.95 -9.50 -10.58
C TYR A 338 -14.10 -9.41 -9.31
N PRO A 339 -13.50 -10.50 -8.83
CA PRO A 339 -12.67 -10.41 -7.62
C PRO A 339 -11.57 -9.35 -7.77
N VAL A 340 -11.23 -8.68 -6.65
CA VAL A 340 -10.14 -7.71 -6.71
C VAL A 340 -8.84 -8.42 -7.08
N SER A 341 -8.61 -9.60 -6.50
CA SER A 341 -7.43 -10.41 -6.77
C SER A 341 -7.79 -11.85 -6.39
N ARG A 342 -6.84 -12.75 -6.60
CA ARG A 342 -7.09 -14.18 -6.37
C ARG A 342 -7.34 -14.47 -4.90
N ASN A 343 -6.68 -13.74 -4.00
CA ASN A 343 -6.78 -14.02 -2.58
C ASN A 343 -7.94 -13.30 -1.91
N SER A 344 -8.39 -12.17 -2.48
CA SER A 344 -9.41 -11.34 -1.86
C SER A 344 -10.80 -11.95 -2.01
N ASN A 345 -11.65 -11.72 -1.01
CA ASN A 345 -13.07 -12.09 -1.09
C ASN A 345 -13.93 -10.92 -1.56
N LEU A 346 -13.32 -9.79 -1.89
CA LEU A 346 -14.00 -8.60 -2.39
C LEU A 346 -14.07 -8.64 -3.90
N HIS A 347 -15.12 -8.04 -4.44
CA HIS A 347 -15.06 -7.71 -5.85
C HIS A 347 -14.79 -6.21 -6.00
N MET A 348 -14.47 -5.83 -7.24
CA MET A 348 -14.03 -4.46 -7.52
C MET A 348 -15.06 -3.41 -7.16
N ALA A 349 -16.34 -3.64 -7.46
CA ALA A 349 -17.34 -2.65 -7.09
C ALA A 349 -17.38 -2.44 -5.56
N GLU A 350 -17.19 -3.52 -4.78
CA GLU A 350 -17.14 -3.36 -3.32
C GLU A 350 -15.94 -2.52 -2.91
N ALA A 351 -14.76 -2.84 -3.45
CA ALA A 351 -13.55 -2.11 -3.09
C ALA A 351 -13.70 -0.61 -3.41
N ALA A 352 -14.15 -0.30 -4.62
CA ALA A 352 -14.33 1.08 -5.05
C ALA A 352 -15.37 1.78 -4.20
N SER A 353 -16.48 1.10 -3.89
CA SER A 353 -17.54 1.69 -3.07
C SER A 353 -17.06 1.96 -1.65
N VAL A 354 -16.32 1.03 -1.07
CA VAL A 354 -15.77 1.25 0.28
C VAL A 354 -14.94 2.52 0.29
N LEU A 355 -14.04 2.65 -0.70
CA LEU A 355 -13.18 3.83 -0.76
C LEU A 355 -13.99 5.10 -0.90
N ALA A 356 -14.90 5.13 -1.88
CA ALA A 356 -15.68 6.33 -2.14
C ALA A 356 -16.54 6.72 -0.94
N THR A 357 -17.13 5.73 -0.26
CA THR A 357 -18.01 6.03 0.87
C THR A 357 -17.22 6.62 2.03
N VAL A 358 -16.09 5.98 2.38
CA VAL A 358 -15.27 6.52 3.47
C VAL A 358 -14.77 7.93 3.13
N LEU A 359 -14.29 8.14 1.90
CA LEU A 359 -13.81 9.48 1.54
C LEU A 359 -14.91 10.52 1.49
N VAL A 360 -16.10 10.15 1.03
CA VAL A 360 -17.11 11.20 0.91
C VAL A 360 -17.59 11.56 2.30
N LYS A 361 -17.59 10.60 3.24
CA LYS A 361 -17.96 10.96 4.60
C LYS A 361 -16.90 11.84 5.24
N ARG A 362 -15.65 11.76 4.78
CA ARG A 362 -14.61 12.65 5.29
C ARG A 362 -14.59 14.03 4.61
N LEU A 363 -14.75 14.08 3.29
CA LEU A 363 -14.58 15.32 2.52
C LEU A 363 -15.88 16.08 2.34
N GLY A 364 -17.02 15.44 2.53
CA GLY A 364 -18.29 15.97 2.06
C GLY A 364 -18.39 15.83 0.54
N GLY A 365 -19.62 16.01 0.05
CA GLY A 365 -19.90 15.96 -1.36
C GLY A 365 -20.98 14.93 -1.65
N GLU A 366 -20.80 14.20 -2.75
CA GLU A 366 -21.84 13.35 -3.29
C GLU A 366 -21.31 11.97 -3.64
N LEU A 367 -22.17 10.97 -3.53
CA LEU A 367 -21.80 9.58 -3.82
C LEU A 367 -22.81 9.03 -4.82
N TRP A 368 -22.37 8.85 -6.06
CA TRP A 368 -23.20 8.30 -7.12
C TRP A 368 -22.59 6.97 -7.58
N THR A 369 -23.43 6.05 -8.05
CA THR A 369 -22.92 4.93 -8.82
C THR A 369 -23.52 4.99 -10.21
N PHE A 370 -23.02 4.14 -11.10
CA PHE A 370 -23.56 4.14 -12.44
C PHE A 370 -23.34 2.79 -13.09
N ALA A 371 -24.31 2.42 -13.92
CA ALA A 371 -24.17 1.31 -14.84
C ALA A 371 -24.96 1.68 -16.09
N ASP A 372 -26.20 1.17 -16.23
CA ASP A 372 -27.05 1.68 -17.29
C ASP A 372 -27.52 3.08 -16.94
N GLU A 373 -27.86 3.31 -15.68
CA GLU A 373 -28.25 4.62 -15.18
C GLU A 373 -27.41 5.00 -13.98
N ALA A 374 -27.29 6.29 -13.74
CA ALA A 374 -26.67 6.79 -12.54
C ALA A 374 -27.67 6.77 -11.39
N GLN A 375 -27.19 6.43 -10.19
CA GLN A 375 -28.03 6.41 -9.00
C GLN A 375 -27.32 7.27 -7.94
N ASP A 376 -28.07 8.13 -7.28
CA ASP A 376 -27.49 9.03 -6.28
C ASP A 376 -27.70 8.43 -4.90
N TYR A 377 -26.60 8.22 -4.18
CA TYR A 377 -26.63 7.66 -2.84
C TYR A 377 -26.33 8.72 -1.77
N THR A 378 -26.22 9.98 -2.16
CA THR A 378 -25.89 11.03 -1.19
C THR A 378 -26.91 11.09 -0.06
N GLY A 379 -28.18 10.89 -0.38
CA GLY A 379 -29.21 10.89 0.63
C GLY A 379 -29.12 9.75 1.62
N HIS A 380 -28.20 8.80 1.39
CA HIS A 380 -28.08 7.60 2.22
C HIS A 380 -26.77 7.53 2.99
N THR A 381 -25.91 8.55 2.91
CA THR A 381 -24.64 8.51 3.61
C THR A 381 -24.78 8.41 5.12
N HIS A 382 -25.99 8.52 5.67
CA HIS A 382 -26.17 8.39 7.11
C HIS A 382 -26.22 6.94 7.57
N LEU A 383 -26.53 6.00 6.67
CA LEU A 383 -26.35 4.58 6.97
C LEU A 383 -24.91 4.36 7.42
N SER A 384 -24.66 3.25 8.11
CA SER A 384 -23.26 2.88 8.33
C SER A 384 -22.57 2.69 6.98
N THR A 385 -21.24 2.86 6.97
CA THR A 385 -20.49 2.58 5.75
C THR A 385 -20.71 1.15 5.29
N TYR A 386 -20.69 0.19 6.21
CA TYR A 386 -20.94 -1.20 5.86
C TYR A 386 -22.30 -1.37 5.18
N SER A 387 -23.37 -0.84 5.78
CA SER A 387 -24.71 -0.98 5.24
C SER A 387 -24.86 -0.31 3.87
N LEU A 388 -24.32 0.90 3.73
CA LEU A 388 -24.36 1.64 2.47
C LEU A 388 -23.65 0.91 1.35
N VAL A 389 -22.44 0.39 1.62
CA VAL A 389 -21.72 -0.31 0.56
C VAL A 389 -22.45 -1.62 0.18
N ARG A 390 -23.00 -2.33 1.17
CA ARG A 390 -23.78 -3.53 0.84
C ARG A 390 -24.98 -3.19 -0.03
N LYS A 391 -25.66 -2.09 0.32
CA LYS A 391 -26.81 -1.62 -0.46
C LYS A 391 -26.41 -1.24 -1.89
N ILE A 392 -25.36 -0.42 -2.01
CA ILE A 392 -24.84 -0.02 -3.32
C ILE A 392 -24.59 -1.24 -4.20
N VAL A 393 -23.84 -2.21 -3.68
CA VAL A 393 -23.43 -3.33 -4.51
C VAL A 393 -24.61 -4.24 -4.83
N ARG A 394 -25.56 -4.34 -3.89
CA ARG A 394 -26.79 -5.07 -4.13
C ARG A 394 -27.60 -4.44 -5.26
N GLU A 395 -27.61 -3.11 -5.34
CA GLU A 395 -28.44 -2.38 -6.32
C GLU A 395 -27.69 -2.06 -7.61
N GLY A 396 -26.52 -2.63 -7.82
CA GLY A 396 -25.72 -2.34 -8.98
C GLY A 396 -25.99 -3.29 -10.13
N ARG A 397 -24.95 -3.49 -10.95
CA ARG A 397 -24.91 -4.37 -12.12
C ARG A 397 -25.60 -3.73 -13.33
N GLY A 398 -25.37 -4.29 -14.51
CA GLY A 398 -25.78 -3.68 -15.76
C GLY A 398 -24.63 -3.41 -16.71
N GLY A 399 -24.88 -2.58 -17.72
CA GLY A 399 -23.85 -2.16 -18.65
C GLY A 399 -23.08 -0.96 -18.14
N THR A 400 -22.28 -0.37 -19.02
CA THR A 400 -21.35 0.70 -18.64
C THR A 400 -21.58 1.95 -19.50
N TYR A 401 -22.32 2.92 -18.98
CA TYR A 401 -22.61 4.15 -19.72
C TYR A 401 -22.05 5.36 -18.97
N LEU A 402 -20.73 5.51 -19.01
CA LEU A 402 -20.08 6.54 -18.21
C LEU A 402 -20.49 7.95 -18.64
N GLU A 403 -20.49 8.22 -19.95
CA GLU A 403 -20.80 9.58 -20.41
C GLU A 403 -22.21 9.98 -20.03
N ARG A 404 -23.16 9.06 -20.16
CA ARG A 404 -24.52 9.31 -19.70
C ARG A 404 -24.54 9.65 -18.20
N ALA A 405 -23.78 8.90 -17.41
CA ALA A 405 -23.74 9.14 -15.98
C ALA A 405 -23.15 10.51 -15.67
N ILE A 406 -22.09 10.90 -16.39
CA ILE A 406 -21.51 12.21 -16.15
C ILE A 406 -22.51 13.31 -16.46
N ARG A 407 -23.28 13.15 -17.56
CA ARG A 407 -24.30 14.16 -17.87
C ARG A 407 -25.35 14.24 -16.78
N LYS A 408 -25.88 13.10 -16.36
CA LYS A 408 -26.90 13.13 -15.32
C LYS A 408 -26.35 13.70 -14.02
N ALA A 409 -25.20 13.20 -13.56
CA ALA A 409 -24.73 13.47 -12.21
C ALA A 409 -24.04 14.82 -12.10
N ILE A 410 -23.23 15.18 -13.08
CA ILE A 410 -22.33 16.32 -13.00
C ILE A 410 -22.76 17.44 -13.93
N LEU A 411 -22.99 17.13 -15.20
CA LEU A 411 -23.12 18.22 -16.17
C LEU A 411 -24.48 18.88 -16.10
N ASP A 412 -25.56 18.10 -16.16
CA ASP A 412 -26.89 18.72 -16.22
C ASP A 412 -27.28 19.37 -14.90
N ARG A 413 -26.84 18.79 -13.79
CA ARG A 413 -27.11 19.33 -12.46
C ARG A 413 -26.25 20.53 -12.11
N SER A 414 -25.23 20.85 -12.91
CA SER A 414 -24.28 21.92 -12.60
C SER A 414 -23.75 21.80 -11.16
N TRP A 415 -23.24 20.61 -10.84
CA TRP A 415 -22.66 20.37 -9.52
C TRP A 415 -21.56 21.40 -9.24
N THR A 416 -21.50 21.86 -7.98
CA THR A 416 -20.76 23.06 -7.61
C THR A 416 -19.44 22.80 -6.87
N GLY A 417 -19.13 21.54 -6.52
CA GLY A 417 -17.86 21.27 -5.88
C GLY A 417 -16.71 21.41 -6.84
N ARG A 418 -15.50 21.22 -6.32
CA ARG A 418 -14.36 21.39 -7.21
C ARG A 418 -13.69 20.10 -7.66
N ARG A 419 -14.05 18.95 -7.10
CA ARG A 419 -13.33 17.70 -7.38
C ARG A 419 -14.31 16.61 -7.76
N VAL A 420 -13.98 15.87 -8.82
CA VAL A 420 -14.75 14.69 -9.24
C VAL A 420 -13.80 13.49 -9.23
N VAL A 421 -14.25 12.37 -8.68
CA VAL A 421 -13.46 11.13 -8.70
C VAL A 421 -14.33 10.04 -9.32
N ILE A 422 -13.86 9.48 -10.42
CA ILE A 422 -14.57 8.40 -11.12
C ILE A 422 -13.76 7.12 -10.96
N ILE A 423 -14.41 6.05 -10.56
CA ILE A 423 -13.76 4.75 -10.51
C ILE A 423 -14.50 3.87 -11.49
N THR A 424 -13.77 3.31 -12.45
CA THR A 424 -14.39 2.61 -13.58
C THR A 424 -13.43 1.56 -14.14
N ASP A 425 -14.00 0.56 -14.82
CA ASP A 425 -13.23 -0.34 -15.66
C ASP A 425 -13.56 -0.17 -17.15
N GLU A 426 -14.12 0.97 -17.54
CA GLU A 426 -14.51 1.17 -18.94
C GLU A 426 -13.32 1.00 -19.87
N GLN A 427 -13.57 0.40 -21.03
CA GLN A 427 -12.49 0.30 -22.01
C GLN A 427 -12.20 1.66 -22.65
N THR A 428 -10.99 1.77 -23.17
CA THR A 428 -10.47 2.98 -23.81
C THR A 428 -11.32 3.44 -24.98
N HIS A 429 -12.03 4.55 -24.82
CA HIS A 429 -12.77 5.15 -25.93
C HIS A 429 -11.96 6.32 -26.49
N ASP A 430 -12.12 6.56 -27.79
CA ASP A 430 -11.53 7.73 -28.41
C ASP A 430 -12.29 8.98 -27.96
N MET A 431 -11.63 10.14 -28.02
CA MET A 431 -12.16 11.42 -27.54
C MET A 431 -12.97 11.28 -26.25
N PRO A 432 -12.34 10.83 -25.15
CA PRO A 432 -13.12 10.40 -23.98
C PRO A 432 -13.35 11.56 -23.03
N TRP A 433 -14.39 11.41 -22.20
CA TRP A 433 -14.80 12.42 -21.21
C TRP A 433 -14.89 13.87 -21.72
N GLU A 434 -15.55 14.08 -22.86
CA GLU A 434 -15.70 15.45 -23.35
C GLU A 434 -16.73 16.24 -22.51
N ALA A 435 -17.76 15.55 -22.00
CA ALA A 435 -18.68 16.19 -21.06
C ALA A 435 -17.96 16.57 -19.77
N LEU A 436 -17.03 15.72 -19.32
CA LEU A 436 -16.27 16.04 -18.12
C LEU A 436 -15.41 17.28 -18.34
N LYS A 437 -14.76 17.39 -19.49
CA LYS A 437 -13.98 18.59 -19.79
C LYS A 437 -14.88 19.82 -19.84
N ASP A 438 -16.10 19.65 -20.37
CA ASP A 438 -17.06 20.76 -20.41
C ASP A 438 -17.29 21.29 -18.99
N TRP A 439 -17.59 20.38 -18.05
CA TRP A 439 -17.80 20.79 -16.66
C TRP A 439 -16.53 21.39 -16.05
N LEU A 440 -15.36 20.85 -16.41
CA LEU A 440 -14.09 21.33 -15.84
C LEU A 440 -13.79 22.75 -16.25
N ARG A 441 -14.16 23.15 -17.48
CA ARG A 441 -13.96 24.52 -17.93
C ARG A 441 -15.03 25.46 -17.41
N SER A 442 -16.18 24.94 -16.97
CA SER A 442 -17.24 25.80 -16.46
C SER A 442 -17.02 26.30 -15.02
N GLY A 443 -15.80 26.19 -14.47
CA GLY A 443 -15.56 26.66 -13.12
C GLY A 443 -14.08 26.76 -12.83
N GLU A 444 -13.75 27.47 -11.75
CA GLU A 444 -12.34 27.72 -11.45
C GLU A 444 -11.74 26.62 -10.58
N ASN A 445 -10.53 26.18 -10.94
CA ASN A 445 -9.75 25.20 -10.18
C ASN A 445 -10.47 23.85 -10.02
N ARG A 446 -11.24 23.46 -11.02
CA ARG A 446 -11.87 22.15 -10.96
C ARG A 446 -10.90 21.08 -11.41
N VAL A 447 -11.07 19.87 -10.87
CA VAL A 447 -10.18 18.77 -11.20
C VAL A 447 -10.98 17.47 -11.12
N ALA A 448 -10.60 16.51 -11.96
CA ALA A 448 -11.16 15.17 -11.95
C ALA A 448 -10.03 14.17 -11.90
N HIS A 449 -10.26 13.08 -11.17
CA HIS A 449 -9.40 11.91 -11.16
C HIS A 449 -10.18 10.72 -11.69
N ILE A 450 -9.63 10.04 -12.67
CA ILE A 450 -10.26 8.86 -13.25
C ILE A 450 -9.35 7.70 -12.88
N ILE A 451 -9.86 6.82 -12.04
CA ILE A 451 -9.18 5.58 -11.68
C ILE A 451 -9.77 4.47 -12.54
N ASN A 452 -8.95 3.86 -13.37
CA ASN A 452 -9.38 2.74 -14.20
C ASN A 452 -8.82 1.45 -13.62
N VAL A 453 -9.68 0.67 -12.98
CA VAL A 453 -9.24 -0.48 -12.20
C VAL A 453 -8.82 -1.64 -13.06
N ALA A 454 -9.12 -1.59 -14.36
CA ALA A 454 -8.68 -2.61 -15.30
C ALA A 454 -7.35 -2.27 -15.93
N GLY A 455 -6.75 -1.13 -15.59
CA GLY A 455 -5.49 -0.76 -16.16
C GLY A 455 -5.58 -0.20 -17.56
N TYR A 456 -6.75 0.24 -17.99
CA TYR A 456 -6.91 0.81 -19.33
C TYR A 456 -6.52 2.28 -19.42
N LEU A 457 -5.95 2.86 -18.38
CA LEU A 457 -5.42 4.21 -18.39
C LEU A 457 -3.99 4.16 -17.87
N PRO A 458 -3.16 5.12 -18.26
CA PRO A 458 -1.88 5.28 -17.58
C PRO A 458 -2.12 5.98 -16.24
N THR A 459 -1.05 6.12 -15.47
CA THR A 459 -1.03 6.97 -14.30
C THR A 459 -0.44 8.28 -14.75
N ALA A 460 -1.17 9.37 -14.61
CA ALA A 460 -0.76 10.61 -15.26
C ALA A 460 -1.19 11.80 -14.43
N PHE A 461 -0.32 12.82 -14.40
CA PHE A 461 -0.71 14.08 -13.80
C PHE A 461 -1.85 14.72 -14.60
N PRO A 462 -2.56 15.69 -14.03
CA PRO A 462 -3.70 16.28 -14.73
C PRO A 462 -3.33 16.82 -16.10
N GLU A 463 -4.12 16.43 -17.10
CA GLU A 463 -4.04 16.90 -18.47
C GLU A 463 -5.43 17.35 -18.82
N ASP A 464 -5.59 18.64 -19.11
CA ASP A 464 -6.89 19.28 -19.24
C ASP A 464 -7.72 19.05 -17.99
N ARG A 465 -7.03 19.13 -16.83
CA ARG A 465 -7.62 19.05 -15.50
C ARG A 465 -8.17 17.66 -15.18
N ILE A 466 -7.67 16.62 -15.83
CA ILE A 466 -8.03 15.25 -15.53
C ILE A 466 -6.77 14.47 -15.28
N ALA A 467 -6.62 13.98 -14.05
CA ALA A 467 -5.57 13.06 -13.72
C ALA A 467 -6.08 11.65 -13.88
N LYS A 468 -5.15 10.72 -14.05
CA LYS A 468 -5.50 9.35 -14.36
C LYS A 468 -4.71 8.43 -13.45
N VAL A 469 -5.33 7.32 -13.06
CA VAL A 469 -4.67 6.30 -12.25
C VAL A 469 -4.84 4.96 -12.95
N GLY A 470 -3.72 4.24 -13.13
CA GLY A 470 -3.70 3.07 -14.00
C GLY A 470 -4.13 1.75 -13.39
N GLY A 471 -4.81 1.79 -12.25
CA GLY A 471 -5.31 0.55 -11.69
C GLY A 471 -5.88 0.80 -10.32
N TRP A 472 -6.18 -0.30 -9.64
CA TRP A 472 -6.72 -0.23 -8.29
C TRP A 472 -5.58 -0.44 -7.30
N SER A 473 -5.70 0.20 -6.14
CA SER A 473 -4.73 0.06 -5.07
C SER A 473 -5.39 0.54 -3.77
N ASP A 474 -5.06 -0.11 -2.65
CA ASP A 474 -5.55 0.47 -1.40
C ASP A 474 -4.80 1.74 -1.00
N LYS A 475 -3.83 2.16 -1.82
CA LYS A 475 -3.07 3.39 -1.58
C LYS A 475 -3.49 4.54 -2.51
N ILE A 476 -4.72 4.49 -3.04
CA ILE A 476 -5.16 5.48 -4.02
C ILE A 476 -5.23 6.89 -3.44
N ILE A 477 -5.59 7.03 -2.17
CA ILE A 477 -5.74 8.37 -1.60
C ILE A 477 -4.43 9.16 -1.67
N THR A 478 -3.32 8.54 -1.24
CA THR A 478 -2.07 9.28 -1.28
C THR A 478 -1.65 9.54 -2.73
N LEU A 479 -2.04 8.65 -3.65
CA LEU A 479 -1.72 8.88 -5.06
C LEU A 479 -2.48 10.09 -5.62
N ILE A 480 -3.79 10.14 -5.37
CA ILE A 480 -4.61 11.28 -5.79
C ILE A 480 -4.04 12.57 -5.25
N GLU A 481 -3.68 12.57 -3.95
CA GLU A 481 -3.05 13.73 -3.33
C GLU A 481 -1.86 14.21 -4.12
N SER A 482 -0.98 13.28 -4.50
CA SER A 482 0.22 13.66 -5.22
C SER A 482 -0.10 14.13 -6.64
N LEU A 483 -0.99 13.42 -7.34
CA LEU A 483 -1.31 13.79 -8.71
C LEU A 483 -2.01 15.14 -8.76
N GLU A 484 -2.77 15.50 -7.73
CA GLU A 484 -3.54 16.73 -7.79
C GLU A 484 -2.67 17.97 -7.79
N VAL A 485 -1.45 17.89 -7.23
CA VAL A 485 -0.59 19.09 -7.24
C VAL A 485 0.08 19.30 -8.58
N GLY A 486 -0.08 18.37 -9.52
CA GLY A 486 0.42 18.56 -10.87
C GLY A 486 1.93 18.47 -11.03
N GLU A 487 2.39 18.41 -12.28
CA GLU A 487 3.84 18.36 -12.52
C GLU A 487 4.51 19.64 -12.04
N GLU A 488 3.78 20.73 -12.00
CA GLU A 488 4.29 21.99 -11.50
C GLU A 488 4.43 22.00 -9.97
N GLY A 489 3.67 21.19 -9.22
CA GLY A 489 3.90 21.21 -7.78
C GLY A 489 4.56 19.99 -7.18
N ILE A 490 4.72 18.90 -7.94
CA ILE A 490 5.17 17.62 -7.35
C ILE A 490 6.52 17.76 -6.66
N ARG A 491 7.42 18.57 -7.20
CA ARG A 491 8.76 18.64 -6.61
C ARG A 491 8.72 19.12 -5.17
N ASN A 492 8.19 20.33 -4.96
CA ASN A 492 8.16 20.89 -3.62
C ASN A 492 7.17 20.15 -2.74
N PHE A 493 6.12 19.58 -3.34
CA PHE A 493 5.18 18.79 -2.56
C PHE A 493 5.89 17.60 -1.94
N LEU A 494 6.62 16.82 -2.75
CA LEU A 494 7.29 15.63 -2.21
C LEU A 494 8.42 16.01 -1.28
N VAL A 495 9.22 17.05 -1.59
CA VAL A 495 10.31 17.36 -0.67
C VAL A 495 9.78 17.91 0.66
N SER A 496 8.81 18.85 0.62
CA SER A 496 8.36 19.42 1.89
C SER A 496 7.61 18.40 2.73
N ASN A 497 6.98 17.38 2.09
CA ASN A 497 6.25 16.41 2.89
C ASN A 497 7.07 15.20 3.29
N TYR A 498 8.01 14.79 2.46
CA TYR A 498 8.60 13.46 2.53
C TYR A 498 10.11 13.45 2.47
N LEU A 499 10.78 14.59 2.58
CA LEU A 499 12.24 14.54 2.67
C LEU A 499 12.60 13.70 3.89
N PRO A 500 13.47 12.70 3.76
CA PRO A 500 13.79 11.86 4.93
C PRO A 500 14.37 12.68 6.06
N PRO A 501 13.85 12.51 7.29
CA PRO A 501 14.29 13.29 8.45
C PRO A 501 15.64 12.81 9.02
CA CA B . -17.80 -0.61 -16.48
#